data_1IAO
#
_entry.id   1IAO
#
_cell.length_a   101.300
_cell.length_b   101.300
_cell.length_c   92.600
_cell.angle_alpha   90.00
_cell.angle_beta   90.00
_cell.angle_gamma   90.00
#
_symmetry.space_group_name_H-M   'P 41 21 2'
#
loop_
_entity.id
_entity.type
_entity.pdbx_description
1 polymer 'MHC CLASS II I-AD'
2 polymer 'MHC CLASS II I-AD'
3 non-polymer 2-acetamido-2-deoxy-beta-D-glucopyranose
4 water water
#
loop_
_entity_poly.entity_id
_entity_poly.type
_entity_poly.pdbx_seq_one_letter_code
_entity_poly.pdbx_strand_id
1 'polypeptide(L)'
;EDDIEADHVGFYGTTVYQSPGDIGQYTHEFDGDELFYVDLDKKKTVWRLPEFGQLILFEPQGGLQNIAAEKHNLGILTKR
SNFTPATNEAPQATVFPKSPVLLGQPNTLICFVDNIFPPVINITWLRNSKSVTDGVYETSFLVNRDHSFHKLSYLTFIPS
DDDIYDCKVEHWGLEEPVLKHWEPEISSADLVPR
;
A
2 'polypeptide(L)'
;RGISQAVHAAHAEINEAGRGSGSGSGNSERHFVVQFKGECYYTNGTQRIRLVTRYIYNREEYVRYDSDVGEYRAVTELGR
PDAEYWNSQPEILDRTRAEVDTACRHNYEGPETSTSLRRLEQPNVAISLSRTEALNHHNTLVCSVTDFYPAKIKVRWFRN
GQEETVGVSSTQLIRNGDWTFQVLVMLEMTPHQGEVYTCHVEHPSLKSPITVEWSSADLVPR
;
B
#
loop_
_chem_comp.id
_chem_comp.type
_chem_comp.name
_chem_comp.formula
NAG D-saccharide, beta linking 2-acetamido-2-deoxy-beta-D-glucopyranose 'C8 H15 N O6'
#
# COMPACT_ATOMS: atom_id res chain seq x y z
N GLU A 5 -11.65 -1.64 17.58
CA GLU A 5 -10.66 -2.69 17.21
C GLU A 5 -9.27 -2.10 17.34
N ALA A 6 -8.64 -1.98 16.19
CA ALA A 6 -7.32 -1.43 16.07
C ALA A 6 -7.49 -0.22 15.18
N ASP A 7 -6.38 0.45 14.96
CA ASP A 7 -6.39 1.61 14.13
C ASP A 7 -6.64 1.11 12.74
N HIS A 8 -7.46 1.86 12.01
CA HIS A 8 -7.81 1.55 10.64
C HIS A 8 -7.90 2.89 9.95
N VAL A 9 -7.43 2.97 8.71
CA VAL A 9 -7.52 4.23 8.00
C VAL A 9 -7.95 3.91 6.60
N GLY A 10 -9.02 4.55 6.18
CA GLY A 10 -9.51 4.33 4.83
C GLY A 10 -9.04 5.46 3.93
N PHE A 11 -8.73 5.12 2.69
CA PHE A 11 -8.28 6.10 1.70
C PHE A 11 -9.35 6.06 0.62
N TYR A 12 -10.34 6.94 0.76
CA TYR A 12 -11.49 7.01 -0.13
C TYR A 12 -11.69 8.30 -0.95
N GLY A 13 -11.24 8.30 -2.19
CA GLY A 13 -11.44 9.48 -3.00
C GLY A 13 -10.15 9.90 -3.69
N THR A 14 -9.08 9.19 -3.38
CA THR A 14 -7.74 9.46 -3.91
C THR A 14 -7.65 9.61 -5.42
N THR A 15 -7.29 10.82 -5.83
CA THR A 15 -7.23 11.20 -7.23
C THR A 15 -5.90 11.82 -7.61
N VAL A 16 -5.39 11.48 -8.78
CA VAL A 16 -4.14 12.06 -9.27
C VAL A 16 -4.30 12.54 -10.68
N TYR A 17 -3.61 13.62 -11.01
CA TYR A 17 -3.71 14.14 -12.36
C TYR A 17 -2.45 14.88 -12.77
N GLN A 18 -1.99 14.59 -13.98
CA GLN A 18 -0.79 15.20 -14.53
C GLN A 18 -1.05 15.87 -15.86
N SER A 19 -0.49 17.07 -16.02
CA SER A 19 -0.71 17.89 -17.21
C SER A 19 -0.16 17.51 -18.57
N PRO A 20 1.18 17.48 -18.76
CA PRO A 20 1.12 17.09 -20.16
C PRO A 20 0.85 15.57 -20.28
N GLY A 21 -0.31 15.23 -20.83
CA GLY A 21 -0.70 13.84 -20.99
C GLY A 21 -2.11 13.51 -20.49
N ASP A 22 -2.67 14.42 -19.72
CA ASP A 22 -4.00 14.22 -19.16
C ASP A 22 -4.07 12.86 -18.58
N ILE A 23 -3.02 12.50 -17.86
CA ILE A 23 -2.98 11.20 -17.22
C ILE A 23 -3.49 11.33 -15.78
N GLY A 24 -4.46 10.49 -15.44
CA GLY A 24 -5.03 10.54 -14.11
C GLY A 24 -5.32 9.16 -13.59
N GLN A 25 -5.62 9.09 -12.29
CA GLN A 25 -5.91 7.83 -11.64
C GLN A 25 -6.81 8.08 -10.46
N TYR A 26 -7.55 7.06 -10.06
CA TYR A 26 -8.45 7.16 -8.94
C TYR A 26 -8.43 5.82 -8.23
N THR A 27 -8.31 5.82 -6.91
CA THR A 27 -8.29 4.57 -6.17
C THR A 27 -8.92 4.66 -4.78
N HIS A 28 -8.97 3.50 -4.13
CA HIS A 28 -9.52 3.38 -2.79
C HIS A 28 -8.69 2.31 -2.10
N GLU A 29 -8.27 2.57 -0.88
CA GLU A 29 -7.49 1.58 -0.14
C GLU A 29 -7.94 1.52 1.30
N PHE A 30 -7.55 0.45 1.96
CA PHE A 30 -7.87 0.27 3.36
C PHE A 30 -6.63 -0.30 4.01
N ASP A 31 -6.14 0.40 5.02
CA ASP A 31 -4.95 -0.04 5.71
C ASP A 31 -3.81 -0.31 4.74
N GLY A 32 -3.58 0.63 3.84
CA GLY A 32 -2.50 0.51 2.88
C GLY A 32 -2.68 -0.49 1.77
N ASP A 33 -3.80 -1.19 1.74
CA ASP A 33 -4.04 -2.15 0.67
C ASP A 33 -5.07 -1.63 -0.33
N GLU A 34 -4.72 -1.71 -1.60
CA GLU A 34 -5.57 -1.23 -2.69
C GLU A 34 -6.88 -2.01 -2.82
N LEU A 35 -7.99 -1.32 -2.58
CA LEU A 35 -9.31 -1.95 -2.70
C LEU A 35 -9.59 -2.16 -4.17
N PHE A 36 -9.56 -1.04 -4.91
CA PHE A 36 -9.81 -1.04 -6.34
C PHE A 36 -9.32 0.26 -6.92
N TYR A 37 -9.32 0.32 -8.26
CA TYR A 37 -8.96 1.52 -9.03
C TYR A 37 -10.06 1.59 -10.08
N VAL A 38 -10.33 2.77 -10.64
CA VAL A 38 -11.37 2.89 -11.67
C VAL A 38 -10.72 3.10 -13.02
N ASP A 39 -10.96 2.17 -13.95
CA ASP A 39 -10.41 2.32 -15.29
C ASP A 39 -11.08 3.52 -15.91
N LEU A 40 -10.31 4.57 -16.10
CA LEU A 40 -10.83 5.80 -16.65
C LEU A 40 -11.09 5.81 -18.14
N ASP A 41 -10.12 5.39 -18.93
CA ASP A 41 -10.35 5.43 -20.36
C ASP A 41 -11.51 4.54 -20.74
N LYS A 42 -11.87 3.59 -19.88
CA LYS A 42 -13.00 2.73 -20.20
C LYS A 42 -14.12 2.78 -19.14
N LYS A 43 -13.99 3.71 -18.20
CA LYS A 43 -15.03 4.00 -17.19
C LYS A 43 -15.59 2.82 -16.36
N LYS A 44 -14.70 2.01 -15.79
CA LYS A 44 -15.13 0.86 -14.98
C LYS A 44 -14.25 0.56 -13.74
N THR A 45 -14.90 0.17 -12.65
CA THR A 45 -14.24 -0.15 -11.37
C THR A 45 -13.58 -1.53 -11.35
N VAL A 46 -12.25 -1.55 -11.23
CA VAL A 46 -11.48 -2.80 -11.20
C VAL A 46 -10.97 -3.19 -9.80
N TRP A 47 -11.67 -4.14 -9.17
CA TRP A 47 -11.34 -4.61 -7.83
C TRP A 47 -10.11 -5.49 -7.83
N ARG A 48 -9.17 -5.18 -6.94
CA ARG A 48 -7.93 -5.94 -6.81
C ARG A 48 -8.30 -7.33 -6.29
N LEU A 49 -9.28 -7.37 -5.39
CA LEU A 49 -9.78 -8.64 -4.87
C LEU A 49 -11.15 -8.78 -5.51
N PRO A 50 -11.25 -9.63 -6.55
CA PRO A 50 -12.52 -9.83 -7.25
C PRO A 50 -13.67 -10.17 -6.33
N GLU A 51 -13.41 -11.09 -5.41
CA GLU A 51 -14.41 -11.53 -4.45
C GLU A 51 -15.01 -10.32 -3.76
N PHE A 52 -14.22 -9.25 -3.67
CA PHE A 52 -14.65 -8.00 -3.05
C PHE A 52 -15.63 -7.24 -3.97
N GLY A 53 -15.29 -7.23 -5.26
CA GLY A 53 -16.14 -6.55 -6.22
C GLY A 53 -17.48 -7.22 -6.42
N GLN A 54 -17.70 -8.35 -5.74
CA GLN A 54 -18.95 -9.07 -5.86
C GLN A 54 -19.83 -8.88 -4.64
N LEU A 55 -19.30 -8.23 -3.61
CA LEU A 55 -20.09 -7.99 -2.40
C LEU A 55 -20.29 -6.50 -2.07
N ILE A 56 -19.58 -5.63 -2.77
CA ILE A 56 -19.62 -4.20 -2.49
C ILE A 56 -19.52 -3.53 -3.84
N LEU A 57 -20.23 -2.43 -4.01
CA LEU A 57 -20.21 -1.72 -5.28
C LEU A 57 -19.81 -0.26 -5.16
N PHE A 58 -19.09 0.22 -6.16
CA PHE A 58 -18.68 1.60 -6.20
C PHE A 58 -18.93 2.09 -7.62
N GLU A 59 -19.90 2.98 -7.77
CA GLU A 59 -20.20 3.51 -9.10
C GLU A 59 -19.02 4.35 -9.57
N PRO A 60 -18.52 4.07 -10.78
CA PRO A 60 -17.39 4.78 -11.36
C PRO A 60 -17.57 6.28 -11.42
N GLN A 61 -18.80 6.74 -11.70
CA GLN A 61 -19.07 8.17 -11.80
C GLN A 61 -18.39 8.93 -10.68
N GLY A 62 -18.53 8.41 -9.45
CA GLY A 62 -17.91 9.05 -8.31
C GLY A 62 -16.45 9.35 -8.57
N GLY A 63 -15.70 8.32 -8.95
CA GLY A 63 -14.29 8.52 -9.24
C GLY A 63 -14.14 9.55 -10.33
N LEU A 64 -14.95 9.39 -11.37
CA LEU A 64 -14.94 10.27 -12.55
C LEU A 64 -15.14 11.74 -12.21
N GLN A 65 -15.96 12.02 -11.21
CA GLN A 65 -16.23 13.39 -10.79
C GLN A 65 -14.95 14.03 -10.24
N ASN A 66 -14.32 13.33 -9.30
CA ASN A 66 -13.08 13.81 -8.70
C ASN A 66 -11.99 14.08 -9.73
N ILE A 67 -11.86 13.18 -10.71
CA ILE A 67 -10.87 13.37 -11.76
C ILE A 67 -11.14 14.71 -12.45
N ALA A 68 -12.41 14.98 -12.70
CA ALA A 68 -12.80 16.21 -13.35
C ALA A 68 -12.50 17.37 -12.39
N ALA A 69 -12.84 17.20 -11.13
CA ALA A 69 -12.61 18.23 -10.14
C ALA A 69 -11.14 18.59 -10.11
N GLU A 70 -10.28 17.58 -10.25
CA GLU A 70 -8.83 17.82 -10.23
C GLU A 70 -8.31 18.39 -11.54
N LYS A 71 -8.85 17.95 -12.67
CA LYS A 71 -8.46 18.51 -13.96
C LYS A 71 -8.66 20.01 -13.78
N HIS A 72 -9.84 20.34 -13.28
CA HIS A 72 -10.26 21.70 -13.02
C HIS A 72 -9.25 22.39 -12.12
N ASN A 73 -9.05 21.81 -10.93
CA ASN A 73 -8.13 22.40 -9.98
C ASN A 73 -6.71 22.53 -10.46
N LEU A 74 -6.25 21.62 -11.30
CA LEU A 74 -4.87 21.68 -11.76
C LEU A 74 -4.65 22.94 -12.56
N GLY A 75 -5.51 23.14 -13.56
CA GLY A 75 -5.41 24.32 -14.41
C GLY A 75 -5.41 25.60 -13.62
N ILE A 76 -6.17 25.63 -12.53
CA ILE A 76 -6.27 26.80 -11.66
C ILE A 76 -5.02 26.96 -10.78
N LEU A 77 -4.57 25.85 -10.19
CA LEU A 77 -3.39 25.89 -9.33
C LEU A 77 -2.12 26.19 -10.13
N THR A 78 -1.98 25.52 -11.27
CA THR A 78 -0.80 25.74 -12.10
C THR A 78 -0.61 27.21 -12.36
N LYS A 79 -1.71 27.90 -12.64
CA LYS A 79 -1.65 29.32 -12.89
C LYS A 79 -1.26 30.01 -11.60
N ARG A 80 -2.03 29.75 -10.56
CA ARG A 80 -1.80 30.38 -9.26
C ARG A 80 -0.34 30.29 -8.81
N SER A 81 0.30 29.18 -9.14
CA SER A 81 1.69 28.95 -8.79
C SER A 81 2.63 29.64 -9.74
N ASN A 82 2.06 30.33 -10.72
CA ASN A 82 2.84 31.02 -11.74
C ASN A 82 3.64 29.96 -12.48
N PHE A 83 2.99 28.83 -12.66
CA PHE A 83 3.51 27.69 -13.40
C PHE A 83 4.74 26.95 -12.90
N THR A 84 4.90 26.81 -11.58
CA THR A 84 6.04 26.07 -11.07
C THR A 84 5.74 24.59 -11.34
N PRO A 85 6.71 23.84 -11.89
CA PRO A 85 6.51 22.43 -12.21
C PRO A 85 6.99 21.51 -11.09
N ALA A 86 6.82 20.21 -11.31
CA ALA A 86 7.22 19.22 -10.33
C ALA A 86 8.72 18.99 -10.33
N THR A 87 9.33 18.99 -9.16
CA THR A 87 10.77 18.72 -9.05
C THR A 87 10.89 17.20 -8.95
N ASN A 88 11.81 16.63 -9.71
CA ASN A 88 12.00 15.18 -9.75
C ASN A 88 12.71 14.46 -8.62
N GLU A 89 12.20 13.28 -8.27
CA GLU A 89 12.73 12.43 -7.21
C GLU A 89 13.21 11.08 -7.77
N ALA A 90 14.24 10.52 -7.13
CA ALA A 90 14.81 9.24 -7.55
C ALA A 90 14.28 8.08 -6.72
N PRO A 91 13.59 7.11 -7.36
CA PRO A 91 13.03 5.93 -6.67
C PRO A 91 14.02 4.86 -6.22
N GLN A 92 13.64 4.12 -5.18
CA GLN A 92 14.48 3.04 -4.67
C GLN A 92 13.65 1.77 -4.68
N ALA A 93 14.15 0.74 -5.33
CA ALA A 93 13.42 -0.51 -5.43
C ALA A 93 13.99 -1.61 -4.56
N THR A 94 13.17 -2.64 -4.36
CA THR A 94 13.53 -3.78 -3.53
C THR A 94 12.86 -5.02 -4.12
N VAL A 95 13.64 -6.07 -4.37
CA VAL A 95 13.09 -7.30 -4.93
C VAL A 95 13.06 -8.42 -3.90
N PHE A 96 11.94 -9.10 -3.78
CA PHE A 96 11.89 -10.17 -2.80
C PHE A 96 10.75 -11.13 -3.06
N PRO A 97 10.97 -12.40 -2.73
CA PRO A 97 9.96 -13.45 -2.88
C PRO A 97 8.80 -13.30 -1.92
N LYS A 98 7.63 -13.68 -2.42
CA LYS A 98 6.39 -13.61 -1.67
C LYS A 98 6.31 -14.85 -0.80
N SER A 99 7.15 -15.81 -1.10
CA SER A 99 7.13 -17.06 -0.36
C SER A 99 8.50 -17.67 -0.25
N PRO A 100 8.63 -18.73 0.58
CA PRO A 100 9.92 -19.42 0.76
C PRO A 100 10.39 -20.02 -0.57
N VAL A 101 11.60 -19.64 -0.96
CA VAL A 101 12.18 -20.10 -2.20
C VAL A 101 12.55 -21.57 -2.12
N LEU A 102 11.86 -22.37 -2.91
CA LEU A 102 12.16 -23.78 -2.94
C LEU A 102 12.58 -24.16 -4.33
N LEU A 103 13.61 -24.98 -4.42
CA LEU A 103 14.15 -25.41 -5.68
C LEU A 103 13.04 -26.13 -6.47
N GLY A 104 12.75 -25.59 -7.66
CA GLY A 104 11.72 -26.15 -8.52
C GLY A 104 10.33 -25.71 -8.15
N GLN A 105 10.20 -25.10 -6.97
CA GLN A 105 8.90 -24.64 -6.46
C GLN A 105 8.42 -23.26 -6.96
N PRO A 106 7.28 -23.22 -7.69
CA PRO A 106 6.72 -21.98 -8.22
C PRO A 106 6.55 -20.91 -7.15
N ASN A 107 6.97 -19.71 -7.51
CA ASN A 107 6.95 -18.56 -6.63
C ASN A 107 6.65 -17.33 -7.46
N THR A 108 6.46 -16.22 -6.74
CA THR A 108 6.19 -14.92 -7.34
C THR A 108 7.23 -13.97 -6.76
N LEU A 109 7.95 -13.27 -7.63
CA LEU A 109 8.97 -12.33 -7.18
C LEU A 109 8.40 -10.92 -7.18
N ILE A 110 8.68 -10.19 -6.11
CA ILE A 110 8.16 -8.85 -5.96
C ILE A 110 9.21 -7.75 -6.00
N CYS A 111 8.91 -6.66 -6.70
CA CYS A 111 9.81 -5.51 -6.78
C CYS A 111 9.09 -4.30 -6.16
N PHE A 112 9.67 -3.76 -5.10
CA PHE A 112 9.10 -2.64 -4.37
C PHE A 112 9.78 -1.32 -4.69
N VAL A 113 9.14 -0.50 -5.51
CA VAL A 113 9.69 0.79 -5.89
C VAL A 113 9.00 1.86 -5.08
N ASP A 114 9.79 2.66 -4.39
CA ASP A 114 9.27 3.73 -3.53
C ASP A 114 9.89 5.03 -4.01
N ASN A 115 9.45 6.12 -3.40
CA ASN A 115 9.90 7.46 -3.73
C ASN A 115 9.62 7.85 -5.17
N ILE A 116 8.50 7.37 -5.69
CA ILE A 116 8.11 7.68 -7.07
C ILE A 116 7.34 8.98 -7.29
N PHE A 117 8.02 10.00 -7.79
CA PHE A 117 7.36 11.22 -8.19
C PHE A 117 8.03 11.72 -9.44
N PRO A 118 7.25 11.93 -10.50
CA PRO A 118 5.82 11.68 -10.58
C PRO A 118 5.37 10.25 -10.81
N PRO A 119 4.07 10.02 -10.74
CA PRO A 119 3.46 8.71 -10.97
C PRO A 119 3.73 8.26 -12.39
N VAL A 120 5.00 8.31 -12.78
CA VAL A 120 5.38 7.89 -14.12
C VAL A 120 6.54 6.94 -14.05
N ILE A 121 6.24 5.69 -14.33
CA ILE A 121 7.28 4.72 -14.24
C ILE A 121 7.14 3.53 -15.13
N ASN A 122 8.31 3.02 -15.45
CA ASN A 122 8.50 1.86 -16.26
C ASN A 122 9.39 1.02 -15.37
N ILE A 123 8.80 0.02 -14.75
CA ILE A 123 9.56 -0.90 -13.92
C ILE A 123 9.49 -2.12 -14.79
N THR A 124 10.65 -2.72 -15.06
CA THR A 124 10.70 -3.85 -15.97
C THR A 124 11.63 -5.00 -15.50
N TRP A 125 11.12 -6.24 -15.56
CA TRP A 125 11.86 -7.47 -15.16
C TRP A 125 12.59 -8.17 -16.32
N LEU A 126 13.76 -8.77 -16.05
CA LEU A 126 14.50 -9.57 -17.06
C LEU A 126 15.69 -10.43 -16.56
N ARG A 127 15.74 -11.72 -16.94
CA ARG A 127 16.82 -12.68 -16.56
C ARG A 127 17.91 -12.32 -17.54
N ASN A 128 17.37 -12.07 -18.72
CA ASN A 128 18.06 -11.77 -19.96
C ASN A 128 18.88 -10.51 -19.94
N SER A 129 18.11 -9.44 -20.13
CA SER A 129 18.56 -8.06 -20.23
C SER A 129 17.80 -7.66 -21.45
N LYS A 130 16.59 -8.19 -21.54
CA LYS A 130 15.64 -7.98 -22.63
C LYS A 130 14.43 -8.58 -21.93
N SER A 131 13.22 -8.06 -22.06
CA SER A 131 12.12 -8.60 -21.26
C SER A 131 11.54 -10.01 -21.41
N VAL A 132 10.78 -10.37 -20.38
CA VAL A 132 10.04 -11.63 -20.32
C VAL A 132 8.81 -11.33 -19.46
N THR A 133 7.65 -11.62 -20.06
CA THR A 133 6.33 -11.32 -19.53
C THR A 133 5.25 -12.37 -19.43
N ASP A 134 5.00 -12.84 -18.24
CA ASP A 134 3.86 -13.70 -18.01
C ASP A 134 3.92 -13.74 -16.53
N GLY A 135 2.80 -13.39 -15.91
CA GLY A 135 2.77 -13.32 -14.48
C GLY A 135 3.22 -11.91 -14.13
N VAL A 136 3.53 -11.08 -15.12
CA VAL A 136 3.95 -9.71 -14.83
C VAL A 136 2.68 -8.94 -14.44
N TYR A 137 2.68 -8.42 -13.23
CA TYR A 137 1.54 -7.69 -12.71
C TYR A 137 2.04 -6.39 -12.07
N GLU A 138 1.14 -5.43 -11.94
CA GLU A 138 1.48 -4.14 -11.37
C GLU A 138 0.31 -3.62 -10.53
N THR A 139 0.62 -2.80 -9.53
CA THR A 139 -0.42 -2.21 -8.69
C THR A 139 -0.52 -0.78 -9.17
N SER A 140 -1.50 -0.05 -8.67
CA SER A 140 -1.64 1.35 -9.06
C SER A 140 -0.57 2.11 -8.31
N PHE A 141 -0.45 3.39 -8.59
CA PHE A 141 0.52 4.20 -7.87
C PHE A 141 -0.03 4.37 -6.45
N LEU A 142 0.55 3.65 -5.49
CA LEU A 142 0.10 3.72 -4.11
C LEU A 142 0.59 5.01 -3.46
N VAL A 143 -0.27 5.64 -2.70
CA VAL A 143 0.05 6.92 -2.10
C VAL A 143 0.88 6.93 -0.83
N ASN A 144 1.82 7.87 -0.77
CA ASN A 144 2.70 8.03 0.38
C ASN A 144 2.43 9.34 1.10
N ARG A 145 2.54 9.33 2.42
CA ARG A 145 2.28 10.52 3.23
C ARG A 145 2.96 11.75 2.70
N ASP A 146 4.21 11.60 2.30
CA ASP A 146 5.01 12.70 1.77
C ASP A 146 4.60 13.06 0.34
N HIS A 147 3.50 12.48 -0.10
CA HIS A 147 2.94 12.77 -1.41
C HIS A 147 3.80 12.28 -2.54
N SER A 148 4.56 11.24 -2.23
CA SER A 148 5.37 10.56 -3.21
C SER A 148 4.52 9.31 -3.38
N PHE A 149 4.91 8.42 -4.28
CA PHE A 149 4.15 7.20 -4.51
C PHE A 149 5.06 6.00 -4.47
N HIS A 150 4.45 4.84 -4.53
CA HIS A 150 5.20 3.61 -4.56
C HIS A 150 4.39 2.58 -5.35
N LYS A 151 5.10 1.78 -6.14
CA LYS A 151 4.47 0.77 -6.97
C LYS A 151 5.15 -0.57 -6.80
N LEU A 152 4.37 -1.64 -6.90
CA LEU A 152 4.90 -2.98 -6.77
C LEU A 152 4.60 -3.78 -8.04
N SER A 153 5.52 -4.67 -8.40
CA SER A 153 5.32 -5.51 -9.56
C SER A 153 5.59 -6.91 -9.10
N TYR A 154 5.11 -7.87 -9.87
CA TYR A 154 5.29 -9.25 -9.51
C TYR A 154 5.81 -10.02 -10.68
N LEU A 155 6.35 -11.19 -10.37
CA LEU A 155 6.80 -12.11 -11.37
C LEU A 155 6.58 -13.47 -10.78
N THR A 156 6.05 -14.30 -11.64
CA THR A 156 5.66 -15.65 -11.35
C THR A 156 6.73 -16.53 -11.93
N PHE A 157 7.44 -17.25 -11.06
CA PHE A 157 8.55 -18.08 -11.51
C PHE A 157 8.77 -19.30 -10.62
N ILE A 158 9.51 -20.23 -11.08
CA ILE A 158 10.02 -21.40 -10.38
C ILE A 158 11.55 -21.39 -10.51
N PRO A 159 12.29 -21.09 -9.44
CA PRO A 159 13.74 -20.87 -9.18
C PRO A 159 15.10 -21.47 -9.64
N SER A 160 15.19 -22.64 -10.25
CA SER A 160 16.53 -23.15 -10.61
C SER A 160 17.36 -22.37 -11.66
N ASP A 161 16.73 -22.28 -12.82
CA ASP A 161 17.21 -21.72 -14.06
C ASP A 161 17.39 -20.26 -14.31
N ASP A 162 18.21 -20.05 -15.34
CA ASP A 162 18.58 -18.76 -15.92
C ASP A 162 18.71 -17.80 -14.79
N ASP A 163 18.39 -18.35 -13.64
CA ASP A 163 18.26 -17.65 -12.39
C ASP A 163 18.74 -16.25 -12.28
N ILE A 164 19.16 -15.52 -13.30
CA ILE A 164 19.43 -14.16 -12.89
C ILE A 164 18.22 -13.35 -13.26
N TYR A 165 17.83 -12.48 -12.34
CA TYR A 165 16.69 -11.63 -12.55
C TYR A 165 17.11 -10.19 -12.36
N ASP A 166 16.22 -9.30 -12.77
CA ASP A 166 16.46 -7.90 -12.67
C ASP A 166 15.16 -7.13 -12.78
N CYS A 167 15.05 -6.09 -11.97
CA CYS A 167 13.88 -5.24 -12.00
C CYS A 167 14.47 -3.95 -12.57
N LYS A 168 14.05 -3.54 -13.76
CA LYS A 168 14.55 -2.31 -14.37
C LYS A 168 13.62 -1.15 -14.06
N VAL A 169 14.17 -0.13 -13.42
CA VAL A 169 13.39 1.02 -13.02
C VAL A 169 13.73 2.30 -13.80
N GLU A 170 12.89 2.61 -14.77
CA GLU A 170 13.08 3.80 -15.60
C GLU A 170 12.20 4.94 -15.07
N HIS A 171 12.81 6.06 -14.73
CA HIS A 171 12.10 7.22 -14.21
C HIS A 171 13.06 8.38 -14.42
N TRP A 172 12.61 9.53 -14.93
CA TRP A 172 13.60 10.57 -15.19
C TRP A 172 14.16 11.42 -14.08
N GLY A 173 13.75 11.21 -12.85
CA GLY A 173 14.39 11.96 -11.79
C GLY A 173 15.39 10.85 -11.58
N LEU A 174 15.83 10.26 -12.69
CA LEU A 174 16.70 9.10 -12.58
C LEU A 174 17.46 8.64 -13.84
N GLU A 175 18.61 8.00 -13.63
CA GLU A 175 19.44 7.60 -14.76
C GLU A 175 19.71 6.18 -15.17
N GLU A 176 20.43 5.42 -14.36
CA GLU A 176 20.62 4.13 -14.92
C GLU A 176 19.24 3.63 -14.70
N PRO A 177 18.71 2.87 -15.66
CA PRO A 177 17.40 2.48 -15.15
C PRO A 177 17.92 1.90 -13.81
N VAL A 178 17.07 1.43 -12.93
CA VAL A 178 17.69 0.93 -11.75
C VAL A 178 17.55 -0.54 -11.87
N LEU A 179 18.68 -1.16 -12.14
CA LEU A 179 18.76 -2.59 -12.31
C LEU A 179 18.98 -3.08 -10.88
N LYS A 180 17.95 -3.73 -10.32
CA LYS A 180 18.03 -4.26 -8.97
C LYS A 180 17.91 -5.76 -9.11
N HIS A 181 19.08 -6.38 -9.01
CA HIS A 181 19.32 -7.80 -9.19
C HIS A 181 18.99 -8.78 -8.10
N TRP A 182 18.39 -9.88 -8.55
CA TRP A 182 17.98 -10.98 -7.69
C TRP A 182 17.65 -12.22 -8.51
N ARG B 1 -25.58 -1.43 3.14
CA ARG B 1 -24.21 -1.93 3.47
C ARG B 1 -23.43 -2.56 2.28
N GLY B 2 -23.84 -2.26 1.05
CA GLY B 2 -23.16 -2.83 -0.11
C GLY B 2 -22.70 -1.77 -1.12
N ILE B 3 -22.68 -0.51 -0.69
CA ILE B 3 -22.28 0.61 -1.54
C ILE B 3 -21.12 1.44 -0.96
N SER B 4 -19.97 1.43 -1.65
CA SER B 4 -18.80 2.15 -1.17
C SER B 4 -18.79 3.62 -1.60
N GLN B 5 -18.79 4.51 -0.60
CA GLN B 5 -18.80 5.95 -0.86
C GLN B 5 -17.44 6.63 -0.94
N ALA B 6 -17.33 7.65 -1.79
CA ALA B 6 -16.10 8.40 -1.95
C ALA B 6 -16.20 9.72 -1.26
N VAL B 7 -15.06 10.42 -1.24
CA VAL B 7 -14.99 11.73 -0.62
C VAL B 7 -14.87 12.66 -1.82
N HIS B 8 -15.82 13.58 -1.93
CA HIS B 8 -15.89 14.51 -3.05
C HIS B 8 -14.82 15.59 -3.05
N ALA B 9 -14.15 15.73 -4.19
CA ALA B 9 -13.12 16.75 -4.35
C ALA B 9 -13.83 18.01 -4.80
N ALA B 10 -13.56 19.10 -4.08
CA ALA B 10 -14.18 20.38 -4.37
C ALA B 10 -13.62 21.04 -5.64
N HIS B 11 -14.32 22.06 -6.10
CA HIS B 11 -13.92 22.77 -7.29
C HIS B 11 -13.40 24.14 -6.88
N ALA B 12 -12.24 24.51 -7.43
CA ALA B 12 -11.66 25.78 -7.10
C ALA B 12 -12.50 26.81 -7.85
N GLU B 13 -12.34 28.08 -7.49
CA GLU B 13 -13.08 29.12 -8.16
C GLU B 13 -12.29 29.49 -9.41
N ILE B 14 -13.00 29.69 -10.52
CA ILE B 14 -12.34 30.09 -11.76
C ILE B 14 -12.22 31.59 -11.60
N HIS B 31 5.51 19.10 -16.88
CA HIS B 31 5.29 18.15 -15.73
C HIS B 31 4.59 18.82 -14.57
N PHE B 32 3.26 18.72 -14.57
CA PHE B 32 2.45 19.32 -13.51
C PHE B 32 1.54 18.25 -12.95
N VAL B 33 1.53 18.15 -11.62
CA VAL B 33 0.75 17.14 -10.93
C VAL B 33 -0.10 17.71 -9.79
N VAL B 34 -1.23 17.05 -9.52
CA VAL B 34 -2.11 17.43 -8.44
C VAL B 34 -2.64 16.14 -7.84
N GLN B 35 -2.98 16.16 -6.56
CA GLN B 35 -3.51 14.98 -5.90
C GLN B 35 -4.54 15.46 -4.92
N PHE B 36 -5.59 14.67 -4.75
CA PHE B 36 -6.61 15.01 -3.77
C PHE B 36 -6.69 13.77 -2.92
N LYS B 37 -6.57 13.96 -1.61
CA LYS B 37 -6.59 12.83 -0.72
C LYS B 37 -7.73 12.86 0.30
N GLY B 38 -8.59 11.85 0.22
CA GLY B 38 -9.69 11.71 1.15
C GLY B 38 -9.15 10.70 2.14
N GLU B 39 -9.04 11.09 3.41
CA GLU B 39 -8.48 10.19 4.39
C GLU B 39 -9.30 10.07 5.65
N CYS B 40 -9.65 8.84 6.02
CA CYS B 40 -10.43 8.62 7.23
C CYS B 40 -9.81 7.69 8.25
N TYR B 41 -9.52 8.29 9.41
CA TYR B 41 -8.88 7.64 10.53
C TYR B 41 -9.83 7.16 11.64
N TYR B 42 -9.90 5.83 11.76
CA TYR B 42 -10.75 5.16 12.75
C TYR B 42 -10.03 4.68 14.01
N THR B 43 -10.37 5.32 15.12
CA THR B 43 -9.80 4.99 16.42
C THR B 43 -10.81 4.05 17.07
N ASN B 44 -10.34 2.87 17.47
CA ASN B 44 -11.17 1.84 18.04
C ASN B 44 -12.41 1.76 17.19
N GLY B 45 -12.26 1.10 16.04
CA GLY B 45 -13.40 0.99 15.15
C GLY B 45 -13.98 2.37 14.95
N THR B 46 -15.30 2.44 14.86
CA THR B 46 -15.98 3.70 14.64
C THR B 46 -16.24 4.52 15.89
N GLN B 47 -15.52 4.25 16.97
CA GLN B 47 -15.77 5.04 18.15
C GLN B 47 -15.37 6.46 17.82
N ARG B 48 -14.13 6.68 17.42
CA ARG B 48 -13.72 8.03 17.06
C ARG B 48 -13.33 8.06 15.60
N ILE B 49 -14.11 8.77 14.80
CA ILE B 49 -13.82 8.87 13.37
C ILE B 49 -13.28 10.25 13.04
N ARG B 50 -12.21 10.30 12.25
CA ARG B 50 -11.62 11.57 11.86
C ARG B 50 -11.44 11.68 10.34
N LEU B 51 -11.90 12.79 9.77
CA LEU B 51 -11.83 13.03 8.34
C LEU B 51 -10.80 14.08 7.93
N VAL B 52 -9.86 13.70 7.07
CA VAL B 52 -8.87 14.66 6.61
C VAL B 52 -8.75 14.61 5.10
N THR B 53 -9.02 15.73 4.46
CA THR B 53 -8.91 15.82 3.02
C THR B 53 -7.76 16.76 2.74
N ARG B 54 -6.97 16.44 1.72
CA ARG B 54 -5.83 17.27 1.40
C ARG B 54 -5.75 17.49 -0.09
N TYR B 55 -5.44 18.71 -0.48
CA TYR B 55 -5.31 19.04 -1.89
C TYR B 55 -3.83 19.28 -2.16
N ILE B 56 -3.27 18.49 -3.05
CA ILE B 56 -1.86 18.59 -3.35
C ILE B 56 -1.57 19.04 -4.76
N TYR B 57 -0.57 19.91 -4.87
CA TYR B 57 -0.10 20.42 -6.13
C TYR B 57 1.33 19.92 -6.20
N ASN B 58 1.54 18.85 -6.97
CA ASN B 58 2.85 18.24 -7.11
C ASN B 58 3.17 17.46 -5.84
N ARG B 59 3.81 18.10 -4.86
CA ARG B 59 4.12 17.43 -3.61
C ARG B 59 3.84 18.37 -2.47
N GLU B 60 3.24 19.52 -2.79
CA GLU B 60 2.89 20.50 -1.77
C GLU B 60 1.41 20.49 -1.44
N GLU B 61 1.07 20.16 -0.20
CA GLU B 61 -0.32 20.18 0.21
C GLU B 61 -0.58 21.68 0.34
N TYR B 62 -1.67 22.20 -0.25
CA TYR B 62 -1.96 23.63 -0.15
C TYR B 62 -3.16 23.97 0.71
N VAL B 63 -4.13 23.06 0.78
CA VAL B 63 -5.32 23.28 1.59
C VAL B 63 -5.69 21.96 2.21
N ARG B 64 -6.40 22.06 3.32
CA ARG B 64 -6.80 20.89 4.08
C ARG B 64 -8.10 21.10 4.83
N TYR B 65 -8.86 20.02 4.96
CA TYR B 65 -10.07 20.08 5.74
C TYR B 65 -9.88 18.99 6.79
N ASP B 66 -10.09 19.34 8.05
CA ASP B 66 -9.92 18.39 9.14
C ASP B 66 -11.12 18.37 10.05
N SER B 67 -11.59 17.16 10.37
CA SER B 67 -12.73 16.97 11.25
C SER B 67 -12.50 17.75 12.53
N ASP B 68 -11.33 17.56 13.12
CA ASP B 68 -10.95 18.23 14.35
C ASP B 68 -11.06 19.75 14.24
N VAL B 69 -10.80 20.30 13.06
CA VAL B 69 -10.87 21.74 12.98
C VAL B 69 -12.25 22.18 12.49
N GLY B 70 -12.94 21.31 11.77
CA GLY B 70 -14.27 21.63 11.30
C GLY B 70 -14.33 22.43 10.00
N GLU B 71 -13.22 23.04 9.58
CA GLU B 71 -13.26 23.79 8.34
C GLU B 71 -11.97 23.73 7.55
N TYR B 72 -12.03 24.28 6.34
CA TYR B 72 -10.90 24.29 5.44
C TYR B 72 -9.88 25.28 5.96
N ARG B 73 -8.60 24.93 5.85
CA ARG B 73 -7.53 25.79 6.30
C ARG B 73 -6.41 25.67 5.28
N ALA B 74 -5.82 26.80 4.93
CA ALA B 74 -4.74 26.79 3.97
C ALA B 74 -3.46 26.31 4.64
N VAL B 75 -2.78 25.35 4.01
CA VAL B 75 -1.56 24.85 4.60
C VAL B 75 -0.41 25.72 4.11
N THR B 76 -0.52 26.24 2.89
CA THR B 76 0.49 27.13 2.30
C THR B 76 -0.19 28.30 1.59
N GLU B 77 0.58 29.24 1.04
CA GLU B 77 -0.03 30.37 0.34
C GLU B 77 -0.96 29.91 -0.79
N LEU B 78 -0.50 28.93 -1.55
CA LEU B 78 -1.27 28.41 -2.65
C LEU B 78 -2.69 27.99 -2.22
N GLY B 79 -2.91 27.81 -0.93
CA GLY B 79 -4.21 27.40 -0.46
C GLY B 79 -5.11 28.49 0.10
N ARG B 80 -4.54 29.65 0.41
CA ARG B 80 -5.32 30.75 0.98
C ARG B 80 -6.65 31.04 0.29
N PRO B 81 -6.68 31.00 -1.06
CA PRO B 81 -7.91 31.27 -1.80
C PRO B 81 -8.99 30.19 -1.69
N ASP B 82 -8.60 28.93 -1.88
CA ASP B 82 -9.56 27.84 -1.82
C ASP B 82 -10.23 27.76 -0.45
N ALA B 83 -9.49 28.08 0.60
CA ALA B 83 -10.06 28.02 1.94
C ALA B 83 -11.13 29.10 2.14
N GLU B 84 -10.76 30.32 1.83
CA GLU B 84 -11.68 31.46 1.98
C GLU B 84 -12.92 31.26 1.10
N TYR B 85 -12.75 30.63 -0.03
CA TYR B 85 -13.88 30.40 -0.96
C TYR B 85 -14.78 29.26 -0.49
N TRP B 86 -14.23 28.06 -0.41
CA TRP B 86 -14.98 26.89 0.02
C TRP B 86 -15.70 27.04 1.36
N ASN B 87 -15.05 27.72 2.31
CA ASN B 87 -15.65 27.93 3.63
C ASN B 87 -16.88 28.84 3.52
N SER B 88 -16.90 29.69 2.50
CA SER B 88 -18.01 30.61 2.29
C SER B 88 -19.11 30.05 1.41
N GLN B 89 -18.85 28.91 0.76
CA GLN B 89 -19.82 28.23 -0.09
C GLN B 89 -20.49 27.18 0.79
N PRO B 90 -21.62 27.54 1.43
CA PRO B 90 -22.41 26.70 2.34
C PRO B 90 -22.60 25.27 1.87
N GLU B 91 -22.86 25.14 0.59
CA GLU B 91 -23.06 23.85 -0.03
C GLU B 91 -21.80 23.03 0.14
N ILE B 92 -20.65 23.61 -0.22
CA ILE B 92 -19.36 22.93 -0.14
C ILE B 92 -18.94 22.62 1.29
N LEU B 93 -18.80 23.67 2.10
CA LEU B 93 -18.38 23.50 3.46
C LEU B 93 -19.27 22.53 4.24
N ASP B 94 -20.56 22.52 3.96
CA ASP B 94 -21.49 21.65 4.72
C ASP B 94 -21.49 20.24 4.11
N ARG B 95 -21.12 20.07 2.87
CA ARG B 95 -21.11 18.74 2.27
C ARG B 95 -19.88 18.01 2.80
N THR B 96 -18.78 18.74 2.90
CA THR B 96 -17.52 18.18 3.39
C THR B 96 -17.65 17.79 4.86
N ARG B 97 -18.26 18.66 5.67
CA ARG B 97 -18.41 18.38 7.08
C ARG B 97 -19.07 17.04 7.33
N ALA B 98 -20.19 16.81 6.66
CA ALA B 98 -20.94 15.57 6.82
C ALA B 98 -20.30 14.39 6.10
N GLU B 99 -19.26 14.68 5.34
CA GLU B 99 -18.57 13.64 4.61
C GLU B 99 -17.97 12.59 5.53
N VAL B 100 -17.83 12.91 6.81
CA VAL B 100 -17.24 11.96 7.75
C VAL B 100 -18.26 10.89 8.05
N ASP B 101 -19.53 11.25 7.92
CA ASP B 101 -20.59 10.30 8.17
C ASP B 101 -21.01 9.64 6.87
N THR B 102 -21.21 10.44 5.83
CA THR B 102 -21.65 9.92 4.55
C THR B 102 -20.68 8.91 3.97
N ALA B 103 -19.39 9.21 4.01
CA ALA B 103 -18.36 8.32 3.45
C ALA B 103 -17.62 7.43 4.45
N CYS B 104 -17.19 7.98 5.57
CA CYS B 104 -16.44 7.19 6.54
C CYS B 104 -17.23 6.26 7.41
N ARG B 105 -18.15 6.84 8.16
CA ARG B 105 -18.98 6.06 9.05
C ARG B 105 -19.61 5.00 8.16
N HIS B 106 -20.13 5.46 7.02
CA HIS B 106 -20.77 4.55 6.09
C HIS B 106 -19.85 3.47 5.56
N ASN B 107 -18.71 3.86 5.01
CA ASN B 107 -17.75 2.93 4.40
C ASN B 107 -17.20 1.98 5.47
N TYR B 108 -17.00 2.44 6.69
CA TYR B 108 -16.45 1.56 7.71
C TYR B 108 -17.46 0.49 8.11
N GLU B 109 -18.54 0.94 8.72
CA GLU B 109 -19.61 0.09 9.20
C GLU B 109 -20.25 -0.73 8.07
N GLY B 110 -20.27 -0.17 6.86
CA GLY B 110 -20.86 -0.88 5.74
C GLY B 110 -19.96 -1.78 4.93
N PRO B 111 -19.36 -1.23 3.87
CA PRO B 111 -18.46 -2.00 2.98
C PRO B 111 -17.31 -2.71 3.68
N GLU B 112 -16.45 -1.92 4.32
CA GLU B 112 -15.28 -2.48 5.01
C GLU B 112 -15.56 -3.61 6.00
N THR B 113 -16.68 -3.56 6.71
CA THR B 113 -16.98 -4.60 7.67
C THR B 113 -17.28 -5.95 7.01
N SER B 114 -17.84 -5.92 5.80
CA SER B 114 -18.17 -7.17 5.10
C SER B 114 -17.08 -7.57 4.15
N THR B 115 -15.92 -6.95 4.29
CA THR B 115 -14.88 -7.28 3.36
C THR B 115 -13.46 -7.28 3.93
N SER B 116 -12.89 -6.11 4.19
CA SER B 116 -11.53 -6.03 4.71
C SER B 116 -11.46 -6.57 6.13
N LEU B 117 -12.41 -6.15 6.96
CA LEU B 117 -12.43 -6.55 8.35
C LEU B 117 -12.74 -8.01 8.60
N ARG B 118 -13.30 -8.69 7.61
CA ARG B 118 -13.62 -10.09 7.83
C ARG B 118 -12.57 -11.02 7.24
N ARG B 119 -11.62 -10.45 6.50
CA ARG B 119 -10.58 -11.25 5.88
C ARG B 119 -9.60 -11.84 6.90
N LEU B 120 -9.42 -13.15 6.80
CA LEU B 120 -8.50 -13.91 7.66
C LEU B 120 -7.65 -14.85 6.83
N GLU B 121 -6.35 -14.61 6.83
CA GLU B 121 -5.41 -15.42 6.07
C GLU B 121 -4.45 -16.14 6.98
N GLN B 122 -4.53 -17.47 6.97
CA GLN B 122 -3.67 -18.30 7.79
C GLN B 122 -2.25 -18.33 7.21
N PRO B 123 -1.24 -17.92 8.02
CA PRO B 123 0.17 -17.87 7.64
C PRO B 123 0.78 -19.22 7.35
N ASN B 124 1.98 -19.23 6.80
CA ASN B 124 2.65 -20.48 6.48
C ASN B 124 4.05 -20.53 7.11
N VAL B 125 4.12 -21.22 8.24
CA VAL B 125 5.35 -21.39 9.01
C VAL B 125 6.31 -22.36 8.37
N ALA B 126 7.57 -21.95 8.27
CA ALA B 126 8.61 -22.79 7.67
C ALA B 126 9.99 -22.40 8.18
N ILE B 127 10.70 -23.34 8.80
CA ILE B 127 12.02 -23.05 9.34
C ILE B 127 12.98 -23.59 8.29
N SER B 128 13.90 -22.75 7.89
CA SER B 128 14.88 -23.14 6.92
C SER B 128 16.18 -22.82 7.63
N LEU B 129 17.29 -23.10 6.96
CA LEU B 129 18.60 -22.80 7.51
C LEU B 129 19.19 -21.77 6.55
N SER B 130 19.82 -20.72 7.07
CA SER B 130 20.39 -19.67 6.23
C SER B 130 21.02 -20.28 5.00
N ARG B 131 20.60 -19.78 3.83
CA ARG B 131 21.10 -20.28 2.55
C ARG B 131 22.61 -20.42 2.58
N THR B 132 23.04 -21.57 3.05
CA THR B 132 24.45 -21.92 3.05
C THR B 132 25.46 -21.64 4.16
N GLU B 133 25.09 -21.39 5.41
CA GLU B 133 26.20 -21.20 6.30
C GLU B 133 26.12 -21.84 7.68
N ALA B 134 25.51 -21.13 8.64
CA ALA B 134 25.52 -21.66 9.99
C ALA B 134 27.02 -21.76 10.08
N LEU B 135 27.67 -20.68 9.67
CA LEU B 135 29.11 -20.65 9.66
C LEU B 135 29.56 -19.34 10.23
N ASN B 136 30.86 -19.14 10.22
CA ASN B 136 31.44 -17.88 10.71
C ASN B 136 30.83 -17.61 12.08
N HIS B 137 30.73 -18.57 12.99
CA HIS B 137 30.28 -18.26 14.34
C HIS B 137 28.74 -18.05 14.67
N HIS B 138 28.12 -19.12 15.13
CA HIS B 138 26.76 -19.24 15.66
C HIS B 138 25.61 -19.49 14.60
N ASN B 139 25.22 -20.76 14.40
CA ASN B 139 24.15 -21.17 13.48
C ASN B 139 22.89 -20.32 13.52
N THR B 140 22.35 -19.88 12.37
CA THR B 140 21.12 -19.05 12.40
C THR B 140 19.88 -19.69 11.75
N LEU B 141 18.89 -19.97 12.60
CA LEU B 141 17.63 -20.56 12.19
C LEU B 141 16.66 -19.45 11.79
N VAL B 142 15.95 -19.66 10.69
CA VAL B 142 15.01 -18.65 10.22
C VAL B 142 13.59 -19.19 10.09
N CYS B 143 12.65 -18.53 10.77
CA CYS B 143 11.25 -18.92 10.67
C CYS B 143 10.55 -17.97 9.70
N SER B 144 9.91 -18.51 8.68
CA SER B 144 9.22 -17.69 7.70
C SER B 144 7.71 -17.82 7.75
N VAL B 145 7.08 -16.84 8.39
CA VAL B 145 5.63 -16.80 8.50
C VAL B 145 5.20 -15.85 7.41
N THR B 146 4.61 -16.42 6.36
CA THR B 146 4.20 -15.61 5.22
C THR B 146 2.76 -15.85 4.81
N ASP B 147 2.24 -14.91 4.01
CA ASP B 147 0.89 -14.93 3.46
C ASP B 147 -0.30 -14.83 4.40
N PHE B 148 -0.16 -14.02 5.44
CA PHE B 148 -1.25 -13.83 6.40
C PHE B 148 -1.82 -12.43 6.29
N TYR B 149 -3.08 -12.33 6.67
CA TYR B 149 -3.79 -11.07 6.67
C TYR B 149 -4.73 -11.43 7.84
N PRO B 150 -4.90 -10.55 8.74
CA PRO B 150 -4.33 -9.16 8.95
C PRO B 150 -3.00 -9.29 9.60
N ALA B 151 -2.43 -8.09 9.78
CA ALA B 151 -1.13 -7.93 10.33
C ALA B 151 -0.91 -8.33 11.76
N LYS B 152 -1.91 -8.40 12.64
CA LYS B 152 -1.59 -8.77 14.01
C LYS B 152 -1.20 -10.24 14.07
N ILE B 153 0.05 -10.49 14.43
CA ILE B 153 0.56 -11.85 14.54
C ILE B 153 1.60 -11.95 15.64
N LYS B 154 1.61 -13.09 16.31
CA LYS B 154 2.58 -13.34 17.38
C LYS B 154 3.42 -14.58 17.04
N VAL B 155 4.69 -14.35 16.76
CA VAL B 155 5.65 -15.41 16.41
C VAL B 155 6.80 -15.50 17.44
N ARG B 156 6.88 -16.63 18.16
CA ARG B 156 7.91 -16.83 19.17
C ARG B 156 8.79 -18.05 18.92
N TRP B 157 10.09 -17.94 19.23
CA TRP B 157 11.02 -19.05 19.07
C TRP B 157 11.12 -19.75 20.42
N PHE B 158 11.07 -21.08 20.39
CA PHE B 158 11.14 -21.91 21.59
C PHE B 158 12.26 -22.94 21.53
N ARG B 159 12.81 -23.28 22.69
CA ARG B 159 13.87 -24.29 22.79
C ARG B 159 13.39 -25.33 23.81
N ASN B 160 13.11 -26.53 23.33
CA ASN B 160 12.63 -27.59 24.19
C ASN B 160 11.54 -27.17 25.16
N GLY B 161 10.64 -26.30 24.73
CA GLY B 161 9.59 -25.89 25.63
C GLY B 161 9.87 -24.53 26.20
N GLN B 162 11.12 -24.22 26.48
CA GLN B 162 11.44 -22.91 27.03
C GLN B 162 11.38 -21.89 25.89
N GLU B 163 10.73 -20.75 26.15
CA GLU B 163 10.60 -19.68 25.16
C GLU B 163 11.95 -18.98 25.02
N GLU B 164 12.46 -18.92 23.79
CA GLU B 164 13.75 -18.28 23.54
C GLU B 164 13.56 -16.84 23.10
N THR B 165 14.19 -15.92 23.83
CA THR B 165 14.06 -14.51 23.55
C THR B 165 15.39 -13.85 23.25
N VAL B 166 16.47 -14.46 23.73
CA VAL B 166 17.80 -13.92 23.52
C VAL B 166 18.37 -14.47 22.20
N GLY B 167 19.07 -13.64 21.46
CA GLY B 167 19.62 -14.09 20.19
C GLY B 167 18.57 -14.10 19.08
N VAL B 168 17.35 -13.69 19.43
CA VAL B 168 16.23 -13.65 18.50
C VAL B 168 16.11 -12.29 17.84
N SER B 169 15.81 -12.29 16.56
CA SER B 169 15.65 -11.03 15.83
C SER B 169 14.57 -11.17 14.80
N SER B 170 13.61 -10.24 14.85
CA SER B 170 12.49 -10.25 13.92
C SER B 170 12.54 -9.08 12.96
N THR B 171 12.16 -9.32 11.72
CA THR B 171 12.14 -8.25 10.73
C THR B 171 10.92 -7.41 11.03
N GLN B 172 10.81 -6.30 10.31
CA GLN B 172 9.64 -5.46 10.47
C GLN B 172 8.60 -6.16 9.60
N LEU B 173 7.37 -5.66 9.58
CA LEU B 173 6.33 -6.27 8.76
C LEU B 173 6.57 -6.03 7.29
N ILE B 174 6.33 -7.04 6.49
CA ILE B 174 6.53 -6.93 5.05
C ILE B 174 5.19 -7.01 4.39
N ARG B 175 4.79 -5.90 3.81
CA ARG B 175 3.51 -5.81 3.13
C ARG B 175 3.72 -6.25 1.68
N ASN B 176 3.18 -7.41 1.32
CA ASN B 176 3.30 -7.98 -0.02
C ASN B 176 2.60 -7.16 -1.11
N GLY B 177 1.48 -6.53 -0.78
CA GLY B 177 0.78 -5.72 -1.75
C GLY B 177 -0.48 -6.35 -2.31
N ASP B 178 -0.69 -7.62 -1.97
CA ASP B 178 -1.85 -8.36 -2.43
C ASP B 178 -2.75 -8.68 -1.26
N TRP B 179 -2.70 -7.83 -0.23
CA TRP B 179 -3.50 -8.02 0.97
C TRP B 179 -2.98 -9.17 1.84
N THR B 180 -1.66 -9.39 1.75
CA THR B 180 -0.95 -10.41 2.53
C THR B 180 0.38 -9.83 3.00
N PHE B 181 0.80 -10.23 4.20
CA PHE B 181 2.08 -9.79 4.79
C PHE B 181 2.93 -11.03 4.98
N GLN B 182 4.13 -10.81 5.52
CA GLN B 182 5.05 -11.89 5.86
C GLN B 182 6.04 -11.40 6.90
N VAL B 183 6.69 -12.32 7.57
CA VAL B 183 7.66 -11.92 8.58
C VAL B 183 8.65 -13.02 8.83
N LEU B 184 9.90 -12.64 8.96
CA LEU B 184 10.95 -13.62 9.22
C LEU B 184 11.61 -13.35 10.59
N VAL B 185 11.75 -14.40 11.40
CA VAL B 185 12.34 -14.28 12.73
C VAL B 185 13.61 -15.14 12.81
N MET B 186 14.75 -14.51 13.05
CA MET B 186 16.01 -15.26 13.12
C MET B 186 16.35 -15.68 14.55
N LEU B 187 17.17 -16.72 14.68
CA LEU B 187 17.64 -17.18 15.98
C LEU B 187 19.05 -17.71 15.80
N GLU B 188 20.02 -17.08 16.44
CA GLU B 188 21.39 -17.54 16.36
C GLU B 188 21.61 -18.49 17.52
N MET B 189 21.81 -19.76 17.18
CA MET B 189 21.98 -20.82 18.16
C MET B 189 23.33 -21.49 18.23
N THR B 190 23.67 -21.90 19.44
CA THR B 190 24.91 -22.60 19.77
C THR B 190 24.27 -23.73 20.55
N PRO B 191 23.75 -24.73 19.78
CA PRO B 191 23.06 -25.97 19.99
C PRO B 191 23.69 -27.21 20.61
N HIS B 192 22.75 -27.99 21.08
CA HIS B 192 23.09 -29.22 21.72
C HIS B 192 22.21 -30.38 22.11
N GLN B 193 22.05 -31.38 21.25
CA GLN B 193 21.33 -32.49 21.78
C GLN B 193 20.04 -32.81 21.11
N GLY B 194 19.10 -33.37 21.87
CA GLY B 194 17.83 -33.71 21.29
C GLY B 194 17.00 -32.47 21.34
N GLU B 195 17.64 -31.31 21.34
CA GLU B 195 16.90 -30.06 21.42
C GLU B 195 15.87 -29.92 20.33
N VAL B 196 14.77 -29.28 20.68
CA VAL B 196 13.72 -29.06 19.73
C VAL B 196 13.62 -27.56 19.65
N TYR B 197 13.35 -27.09 18.43
CA TYR B 197 13.22 -25.68 18.16
C TYR B 197 11.84 -25.56 17.56
N THR B 198 10.93 -25.01 18.34
CA THR B 198 9.56 -24.85 17.93
C THR B 198 9.26 -23.39 17.61
N CYS B 199 8.80 -23.15 16.39
CA CYS B 199 8.43 -21.80 15.96
C CYS B 199 6.94 -21.62 16.20
N HIS B 200 6.62 -20.98 17.32
CA HIS B 200 5.24 -20.73 17.71
C HIS B 200 4.69 -19.53 16.96
N VAL B 201 3.50 -19.68 16.39
CA VAL B 201 2.86 -18.60 15.65
C VAL B 201 1.44 -18.48 16.13
N GLU B 202 0.96 -17.25 16.23
CA GLU B 202 -0.40 -17.02 16.69
C GLU B 202 -1.10 -15.98 15.85
N HIS B 203 -2.01 -16.43 15.00
CA HIS B 203 -2.73 -15.52 14.16
C HIS B 203 -4.23 -15.61 14.34
N PRO B 204 -4.91 -14.45 14.35
CA PRO B 204 -6.35 -14.33 14.53
C PRO B 204 -7.14 -15.27 13.62
N SER B 205 -6.60 -15.55 12.44
CA SER B 205 -7.26 -16.43 11.48
C SER B 205 -7.24 -17.90 11.96
N LEU B 206 -6.32 -18.20 12.88
CA LEU B 206 -6.16 -19.54 13.43
C LEU B 206 -6.99 -19.82 14.67
N LYS B 207 -7.42 -21.08 14.82
CA LYS B 207 -8.21 -21.49 15.96
C LYS B 207 -7.26 -21.64 17.14
N SER B 208 -6.30 -22.52 16.98
CA SER B 208 -5.25 -22.75 17.98
C SER B 208 -3.89 -22.61 17.33
N PRO B 209 -2.90 -22.04 18.01
CA PRO B 209 -1.53 -21.80 17.52
C PRO B 209 -0.86 -22.83 16.63
N ILE B 210 -0.47 -22.45 15.42
CA ILE B 210 0.23 -23.38 14.55
C ILE B 210 1.68 -23.38 15.04
N THR B 211 2.35 -24.50 14.88
CA THR B 211 3.72 -24.66 15.35
C THR B 211 4.53 -25.54 14.43
N VAL B 212 5.78 -25.17 14.21
CA VAL B 212 6.64 -26.01 13.39
C VAL B 212 7.80 -26.50 14.26
N GLU B 213 8.27 -27.72 13.99
CA GLU B 213 9.35 -28.28 14.78
C GLU B 213 10.59 -28.57 13.96
N TRP B 214 11.72 -28.56 14.66
CA TRP B 214 13.01 -28.80 14.05
C TRP B 214 13.89 -29.29 15.19
N SER B 215 14.81 -30.21 14.89
CA SER B 215 15.69 -30.73 15.93
C SER B 215 17.13 -30.93 15.44
N SER B 216 18.07 -30.89 16.39
CA SER B 216 19.49 -31.05 16.11
C SER B 216 19.86 -32.41 15.51
C1 NAG C . -14.32 0.66 21.44
C2 NAG C . -15.12 -0.63 21.21
C3 NAG C . -15.90 -0.91 22.50
C4 NAG C . -14.90 -1.06 23.68
C5 NAG C . -13.98 0.19 23.78
C6 NAG C . -12.84 -0.01 24.76
C7 NAG C . -15.93 -1.33 19.04
C8 NAG C . -16.90 -1.11 17.88
N2 NAG C . -16.01 -0.49 20.07
O3 NAG C . -16.67 -2.10 22.38
O4 NAG C . -15.63 -1.22 24.90
O5 NAG C . -13.36 0.47 22.49
O6 NAG C . -11.73 -0.65 24.14
O7 NAG C . -15.13 -2.26 18.98
#